data_8JYG
#
_entry.id   8JYG
#
_cell.length_a   44.380
_cell.length_b   71.049
_cell.length_c   78.280
_cell.angle_alpha   90.000
_cell.angle_beta   98.090
_cell.angle_gamma   90.000
#
_symmetry.space_group_name_H-M   'P 1 21 1'
#
loop_
_entity.id
_entity.type
_entity.pdbx_description
1 polymer 'Heparanase 50 kDa subunit'
2 polymer Heparanase
3 non-polymer '(5~{S},6~{R},7~{S},8~{S})-6,7,8-tris(oxidanyl)-2-[2-(3-phenoxyphenyl)ethyl]-5,6,7,8-tetrahydroimidazo[1,2-a]pyridine-5-carboxylic acid'
4 non-polymer 1,2-ETHANEDIOL
5 non-polymer 2-acetamido-2-deoxy-beta-D-glucopyranose
6 water water
#
loop_
_entity_poly.entity_id
_entity_poly.type
_entity_poly.pdbx_seq_one_letter_code
_entity_poly.pdbx_strand_id
1 'polypeptide(L)'
;KKFKNSTYSRSSVDVLYTFANCSGLDLIFGLNALLRTADLQWNSSNAQLLLDYCSSKGYNISWELGNEPNSFLKKADIFI
NGSQLGEDFIQLHKLLRKSTFKNAKLYGPDVGQPRRKTAKMLKSFLKAGGEVIDSVTWHHYYLNGRTATREDFLNPDVLD
IFISSVQKVFQVVESTRPGKKVWLGETSSAYGGGAPLLSDTFAAGFMWLDKLGLSARMGIEVVMRQVFFGAGNYHLVDEN
FDPLPDYWLSLLFKKLVGTKVLMASVQGSKRRKLRVYLHCTNTDNPRYKEGDLTLYAINLHNVTKYLRLPYPFSNKQVDK
YLLRPLGPHGLLSKSVQLNGLTLKMVDDQTLPPLMEKPLRPGSSLGLPAFSYSFFVIRNAKVAACI
;
A
2 'polypeptide(L)' AAQDVVDLDFFTQEPLHLVSPSFLSVTIDANLATDPRFLILLGSPKLRTLARGLSPAYLRFGGTKTDFLIFDPKKE B
#
loop_
_chem_comp.id
_chem_comp.type
_chem_comp.name
_chem_comp.formula
EDO non-polymer 1,2-ETHANEDIOL 'C2 H6 O2'
NAG D-saccharide, beta linking 2-acetamido-2-deoxy-beta-D-glucopyranose 'C8 H15 N O6'
V8R non-polymer '(5~{S},6~{R},7~{S},8~{S})-6,7,8-tris(oxidanyl)-2-[2-(3-phenoxyphenyl)ethyl]-5,6,7,8-tetrahydroimidazo[1,2-a]pyridine-5-carboxylic acid' 'C22 H22 N2 O6'
#
# COMPACT_ATOMS: atom_id res chain seq x y z
N PHE A 3 -8.10 24.78 0.51
CA PHE A 3 -8.40 24.03 -0.76
C PHE A 3 -9.62 24.67 -1.41
N LYS A 4 -9.56 24.93 -2.72
CA LYS A 4 -10.66 25.53 -3.51
C LYS A 4 -11.12 24.53 -4.57
N ASN A 5 -12.33 24.69 -5.11
CA ASN A 5 -12.88 23.76 -6.13
C ASN A 5 -12.05 23.90 -7.42
N SER A 6 -11.86 22.78 -8.14
CA SER A 6 -11.32 22.69 -9.52
C SER A 6 -12.28 21.83 -10.33
N THR A 7 -12.31 22.02 -11.65
CA THR A 7 -13.00 21.12 -12.58
C THR A 7 -11.95 20.24 -13.25
N TYR A 8 -12.37 19.12 -13.81
CA TYR A 8 -11.52 18.24 -14.62
C TYR A 8 -12.34 17.77 -15.82
N SER A 9 -11.67 17.36 -16.90
CA SER A 9 -12.29 17.14 -18.22
C SER A 9 -12.52 15.66 -18.49
N ARG A 10 -13.31 15.35 -19.53
CA ARG A 10 -13.34 14.00 -20.14
C ARG A 10 -11.90 13.57 -20.42
N SER A 11 -11.09 14.48 -20.96
CA SER A 11 -9.68 14.21 -21.35
C SER A 11 -8.88 13.72 -20.13
N SER A 12 -9.06 14.40 -18.98
CA SER A 12 -8.46 14.06 -17.67
C SER A 12 -8.80 12.61 -17.31
N VAL A 13 -10.09 12.26 -17.39
CA VAL A 13 -10.60 10.90 -17.06
C VAL A 13 -9.95 9.91 -18.02
N ASP A 14 -9.95 10.23 -19.32
CA ASP A 14 -9.34 9.39 -20.38
C ASP A 14 -7.86 9.13 -20.05
N VAL A 15 -7.08 10.17 -19.70
CA VAL A 15 -5.62 10.04 -19.37
C VAL A 15 -5.43 9.00 -18.26
N LEU A 16 -6.16 9.18 -17.15
CA LEU A 16 -6.09 8.36 -15.91
C LEU A 16 -6.51 6.91 -16.22
N TYR A 17 -7.62 6.72 -16.95
CA TYR A 17 -8.15 5.38 -17.30
C TYR A 17 -7.14 4.64 -18.18
N THR A 18 -6.57 5.35 -19.16
CA THR A 18 -5.62 4.75 -20.14
C THR A 18 -4.35 4.32 -19.41
N PHE A 19 -3.80 5.19 -18.57
CA PHE A 19 -2.63 4.87 -17.71
C PHE A 19 -2.85 3.56 -16.95
N ALA A 20 -3.96 3.46 -16.20
CA ALA A 20 -4.33 2.27 -15.42
C ALA A 20 -4.42 1.06 -16.35
N ASN A 21 -5.22 1.18 -17.42
CA ASN A 21 -5.58 0.04 -18.30
C ASN A 21 -4.32 -0.50 -18.96
N CYS A 22 -3.52 0.34 -19.59
CA CYS A 22 -2.27 -0.05 -20.30
C CYS A 22 -1.25 -0.61 -19.29
N SER A 23 -1.33 -0.19 -18.02
CA SER A 23 -0.40 -0.66 -16.96
C SER A 23 -0.89 -1.96 -16.29
N GLY A 24 -2.09 -2.45 -16.59
CA GLY A 24 -2.67 -3.62 -15.91
C GLY A 24 -3.06 -3.34 -14.46
N LEU A 25 -3.50 -2.14 -14.14
CA LEU A 25 -3.96 -1.77 -12.78
C LEU A 25 -5.47 -1.49 -12.80
N ASP A 26 -6.10 -1.72 -11.66
CA ASP A 26 -7.55 -1.60 -11.45
C ASP A 26 -7.79 -0.22 -10.84
N LEU A 27 -8.39 0.68 -11.61
CA LEU A 27 -8.61 2.08 -11.17
C LEU A 27 -9.77 2.16 -10.16
N ILE A 28 -9.49 2.78 -9.00
CA ILE A 28 -10.50 3.21 -8.00
C ILE A 28 -10.54 4.74 -8.04
N PHE A 29 -11.72 5.32 -8.26
CA PHE A 29 -11.91 6.79 -8.41
C PHE A 29 -12.72 7.34 -7.25
N GLY A 30 -12.12 8.24 -6.48
CA GLY A 30 -12.80 8.94 -5.36
C GLY A 30 -13.73 10.03 -5.88
N LEU A 31 -15.04 9.94 -5.58
CA LEU A 31 -16.05 10.98 -5.89
C LEU A 31 -16.11 12.03 -4.78
N ASN A 32 -16.48 13.23 -5.17
CA ASN A 32 -16.58 14.43 -4.31
C ASN A 32 -17.81 14.31 -3.42
N ALA A 33 -17.61 14.24 -2.11
CA ALA A 33 -18.65 14.01 -1.08
C ALA A 33 -19.10 15.34 -0.48
N LEU A 34 -18.47 16.46 -0.85
CA LEU A 34 -18.84 17.79 -0.31
C LEU A 34 -19.85 18.52 -1.23
N LEU A 35 -20.33 17.87 -2.30
CA LEU A 35 -21.47 18.39 -3.10
C LEU A 35 -22.75 18.02 -2.34
N ARG A 36 -23.40 19.02 -1.75
CA ARG A 36 -24.47 18.84 -0.74
C ARG A 36 -25.73 19.57 -1.20
N THR A 37 -26.90 19.06 -0.82
CA THR A 37 -28.21 19.76 -0.90
C THR A 37 -28.38 20.63 0.34
N ALA A 38 -29.45 21.43 0.36
CA ALA A 38 -29.85 22.33 1.47
C ALA A 38 -29.97 21.51 2.76
N ASP A 39 -30.55 20.31 2.66
CA ASP A 39 -30.76 19.39 3.82
C ASP A 39 -29.47 18.61 4.11
N LEU A 40 -28.37 18.91 3.42
CA LEU A 40 -27.01 18.35 3.65
C LEU A 40 -27.02 16.83 3.38
N GLN A 41 -27.81 16.42 2.37
CA GLN A 41 -27.68 15.12 1.68
C GLN A 41 -26.57 15.25 0.64
N TRP A 42 -25.96 14.15 0.24
CA TRP A 42 -25.01 14.15 -0.89
C TRP A 42 -25.81 14.42 -2.16
N ASN A 43 -25.51 15.52 -2.86
CA ASN A 43 -26.02 15.78 -4.23
C ASN A 43 -25.19 14.96 -5.23
N SER A 44 -25.85 13.99 -5.87
CA SER A 44 -25.23 12.92 -6.70
C SER A 44 -25.15 13.31 -8.17
N SER A 45 -25.54 14.52 -8.54
CA SER A 45 -25.85 14.83 -9.95
C SER A 45 -24.55 14.96 -10.75
N ASN A 46 -23.47 15.53 -10.15
CA ASN A 46 -22.14 15.60 -10.81
C ASN A 46 -21.65 14.18 -11.06
N ALA A 47 -21.73 13.32 -10.03
CA ALA A 47 -21.31 11.91 -10.09
C ALA A 47 -22.07 11.22 -11.22
N GLN A 48 -23.38 11.47 -11.35
CA GLN A 48 -24.19 10.87 -12.44
C GLN A 48 -23.61 11.29 -13.79
N LEU A 49 -23.18 12.53 -13.92
CA LEU A 49 -22.52 12.99 -15.17
C LEU A 49 -21.30 12.10 -15.43
N LEU A 50 -20.45 11.91 -14.41
CA LEU A 50 -19.18 11.19 -14.58
C LEU A 50 -19.48 9.73 -14.91
N LEU A 51 -20.40 9.10 -14.17
CA LEU A 51 -20.74 7.68 -14.39
C LEU A 51 -21.26 7.49 -15.83
N ASP A 52 -22.09 8.42 -16.33
CA ASP A 52 -22.66 8.34 -17.71
C ASP A 52 -21.50 8.36 -18.69
N TYR A 53 -20.55 9.28 -18.53
CA TYR A 53 -19.41 9.43 -19.47
C TYR A 53 -18.61 8.12 -19.44
N CYS A 54 -18.25 7.63 -18.24
CA CYS A 54 -17.46 6.39 -18.05
C CYS A 54 -18.22 5.20 -18.67
N SER A 55 -19.54 5.08 -18.38
CA SER A 55 -20.45 4.10 -19.02
C SER A 55 -20.29 4.14 -20.55
N SER A 56 -20.42 5.34 -21.13
CA SER A 56 -20.46 5.60 -22.59
C SER A 56 -19.16 5.11 -23.23
N LYS A 57 -18.06 5.07 -22.46
CA LYS A 57 -16.68 4.73 -22.93
C LYS A 57 -16.35 3.28 -22.58
N GLY A 58 -17.26 2.58 -21.91
CA GLY A 58 -17.01 1.20 -21.45
C GLY A 58 -15.88 1.12 -20.42
N TYR A 59 -15.66 2.18 -19.63
CA TYR A 59 -14.63 2.22 -18.57
C TYR A 59 -15.05 1.31 -17.40
N ASN A 60 -14.24 0.29 -17.13
CA ASN A 60 -14.37 -0.67 -15.99
C ASN A 60 -13.75 -0.05 -14.73
N ILE A 61 -14.51 0.63 -13.89
CA ILE A 61 -13.93 1.45 -12.80
C ILE A 61 -14.62 1.10 -11.48
N SER A 62 -13.88 1.20 -10.36
CA SER A 62 -14.44 1.10 -8.99
C SER A 62 -14.46 2.47 -8.34
N TRP A 63 -15.24 2.62 -7.27
CA TRP A 63 -15.64 3.94 -6.70
C TRP A 63 -15.37 4.05 -5.20
N GLU A 64 -15.01 5.26 -4.78
CA GLU A 64 -15.05 5.71 -3.37
C GLU A 64 -15.85 6.99 -3.33
N LEU A 65 -16.21 7.43 -2.13
CA LEU A 65 -16.99 8.67 -1.92
C LEU A 65 -16.41 9.37 -0.69
N GLY A 66 -15.70 10.46 -0.94
CA GLY A 66 -15.09 11.26 0.12
C GLY A 66 -13.72 10.74 0.53
N ASN A 67 -12.91 11.68 1.02
CA ASN A 67 -11.57 11.46 1.58
C ASN A 67 -11.56 12.11 2.96
N GLU A 68 -11.35 11.30 4.01
CA GLU A 68 -11.12 11.76 5.40
C GLU A 68 -12.28 12.66 5.87
N PRO A 69 -13.49 12.07 5.98
CA PRO A 69 -14.68 12.82 6.38
C PRO A 69 -14.58 13.49 7.76
N ASN A 70 -13.78 12.94 8.66
CA ASN A 70 -13.72 13.47 10.03
C ASN A 70 -13.06 14.85 9.99
N SER A 71 -12.35 15.19 8.92
CA SER A 71 -11.75 16.55 8.83
C SER A 71 -12.54 17.47 7.86
N PHE A 72 -13.77 17.13 7.47
CA PHE A 72 -14.59 17.98 6.57
C PHE A 72 -14.86 19.35 7.22
N LEU A 73 -15.08 19.41 8.53
CA LEU A 73 -15.34 20.69 9.24
C LEU A 73 -14.09 21.58 9.14
N LYS A 74 -12.90 21.06 9.45
CA LYS A 74 -11.63 21.81 9.24
C LYS A 74 -11.50 22.24 7.77
N LYS A 75 -11.73 21.32 6.83
CA LYS A 75 -11.38 21.54 5.40
C LYS A 75 -12.38 22.50 4.75
N ALA A 76 -13.66 22.50 5.14
CA ALA A 76 -14.74 23.11 4.34
C ALA A 76 -15.88 23.70 5.17
N ASP A 77 -15.79 23.70 6.52
CA ASP A 77 -16.87 24.19 7.42
C ASP A 77 -18.19 23.49 7.12
N ILE A 78 -18.14 22.24 6.71
CA ILE A 78 -19.31 21.34 6.51
C ILE A 78 -19.07 20.13 7.41
N PHE A 79 -19.91 19.91 8.42
CA PHE A 79 -19.87 18.67 9.23
C PHE A 79 -20.91 17.67 8.71
N ILE A 80 -20.42 16.50 8.29
CA ILE A 80 -21.23 15.32 7.86
C ILE A 80 -20.95 14.21 8.87
N ASN A 81 -21.96 13.82 9.64
CA ASN A 81 -21.81 12.71 10.62
C ASN A 81 -21.75 11.39 9.83
N GLY A 82 -21.32 10.34 10.54
CA GLY A 82 -21.15 9.00 9.96
C GLY A 82 -22.44 8.43 9.41
N SER A 83 -23.58 8.63 10.11
CA SER A 83 -24.93 8.11 9.69
C SER A 83 -25.28 8.66 8.30
N GLN A 84 -25.11 9.96 8.11
CA GLN A 84 -25.44 10.65 6.83
C GLN A 84 -24.56 10.09 5.71
N LEU A 85 -23.26 9.94 6.01
CA LEU A 85 -22.25 9.42 5.05
C LEU A 85 -22.64 8.00 4.63
N GLY A 86 -23.06 7.17 5.58
CA GLY A 86 -23.66 5.86 5.30
C GLY A 86 -24.80 5.96 4.30
N GLU A 87 -25.71 6.92 4.48
CA GLU A 87 -26.91 7.10 3.61
C GLU A 87 -26.43 7.52 2.22
N ASP A 88 -25.44 8.41 2.17
CA ASP A 88 -24.80 8.86 0.91
C ASP A 88 -24.23 7.65 0.16
N PHE A 89 -23.56 6.72 0.86
CA PHE A 89 -22.94 5.54 0.21
C PHE A 89 -24.07 4.67 -0.36
N ILE A 90 -25.20 4.62 0.36
CA ILE A 90 -26.40 3.84 -0.06
C ILE A 90 -26.92 4.45 -1.39
N GLN A 91 -27.03 5.78 -1.45
CA GLN A 91 -27.40 6.53 -2.67
C GLN A 91 -26.45 6.16 -3.80
N LEU A 92 -25.15 6.21 -3.55
CA LEU A 92 -24.11 5.94 -4.59
C LEU A 92 -24.28 4.50 -5.05
N HIS A 93 -24.44 3.58 -4.11
CA HIS A 93 -24.65 2.15 -4.41
C HIS A 93 -25.83 2.01 -5.40
N LYS A 94 -26.96 2.69 -5.14
CA LYS A 94 -28.17 2.61 -6.00
C LYS A 94 -27.84 3.15 -7.39
N LEU A 95 -27.17 4.30 -7.48
CA LEU A 95 -26.68 4.83 -8.79
C LEU A 95 -25.89 3.76 -9.53
N LEU A 96 -24.90 3.16 -8.87
CA LEU A 96 -24.01 2.16 -9.51
C LEU A 96 -24.85 0.98 -10.00
N ARG A 97 -25.85 0.57 -9.22
CA ARG A 97 -26.70 -0.62 -9.56
C ARG A 97 -27.64 -0.30 -10.72
N LYS A 98 -28.03 0.96 -10.92
CA LYS A 98 -28.87 1.41 -12.06
C LYS A 98 -28.02 1.80 -13.28
N SER A 99 -26.79 1.32 -13.37
CA SER A 99 -25.85 1.75 -14.44
C SER A 99 -25.19 0.53 -15.08
N THR A 100 -24.30 0.76 -16.03
CA THR A 100 -23.45 -0.30 -16.63
C THR A 100 -22.42 -0.77 -15.58
N PHE A 101 -22.17 0.03 -14.53
CA PHE A 101 -21.27 -0.30 -13.39
C PHE A 101 -22.03 -1.08 -12.32
N LYS A 102 -22.99 -1.93 -12.70
CA LYS A 102 -23.92 -2.56 -11.72
C LYS A 102 -23.14 -3.50 -10.80
N ASN A 103 -22.12 -4.21 -11.28
CA ASN A 103 -21.26 -5.06 -10.42
C ASN A 103 -19.89 -4.41 -10.25
N ALA A 104 -19.83 -3.08 -10.28
CA ALA A 104 -18.60 -2.32 -9.96
C ALA A 104 -18.50 -2.28 -8.44
N LYS A 105 -17.29 -2.22 -7.90
CA LYS A 105 -17.03 -2.27 -6.43
C LYS A 105 -17.14 -0.88 -5.80
N LEU A 106 -17.49 -0.85 -4.53
CA LEU A 106 -17.59 0.41 -3.79
C LEU A 106 -16.82 0.27 -2.48
N TYR A 107 -15.95 1.24 -2.16
CA TYR A 107 -15.09 1.20 -0.94
C TYR A 107 -15.24 2.51 -0.18
N GLY A 108 -15.12 2.46 1.14
CA GLY A 108 -15.18 3.67 1.96
C GLY A 108 -15.00 3.33 3.43
N PRO A 109 -14.98 4.32 4.34
CA PRO A 109 -15.08 5.73 4.00
C PRO A 109 -13.78 6.54 3.96
N ASP A 110 -12.63 5.88 3.86
CA ASP A 110 -11.32 6.57 3.74
C ASP A 110 -11.14 7.51 4.94
N VAL A 111 -11.47 7.06 6.14
CA VAL A 111 -11.16 7.82 7.39
C VAL A 111 -9.67 7.75 7.74
N GLY A 112 -9.20 8.78 8.41
CA GLY A 112 -7.86 8.81 9.01
C GLY A 112 -7.74 7.78 10.11
N GLN A 113 -6.51 7.52 10.54
CA GLN A 113 -6.15 6.56 11.60
C GLN A 113 -6.84 6.98 12.89
N PRO A 114 -7.13 6.00 13.78
CA PRO A 114 -7.86 6.27 15.02
C PRO A 114 -7.18 7.29 15.95
N ARG A 115 -7.92 8.33 16.30
CA ARG A 115 -7.54 9.42 17.25
C ARG A 115 -8.64 9.44 18.31
N ARG A 116 -8.59 10.39 19.25
CA ARG A 116 -9.47 10.44 20.46
C ARG A 116 -10.92 10.05 20.12
N LYS A 117 -11.49 10.51 19.00
CA LYS A 117 -12.89 10.17 18.62
C LYS A 117 -13.03 10.18 17.09
N THR A 118 -12.40 9.25 16.41
CA THR A 118 -12.55 9.01 14.93
C THR A 118 -13.33 7.71 14.72
N ALA A 119 -13.49 6.92 15.81
CA ALA A 119 -14.18 5.61 15.84
C ALA A 119 -15.67 5.86 15.66
N LYS A 120 -16.17 6.93 16.32
CA LYS A 120 -17.60 7.31 16.30
C LYS A 120 -18.03 7.46 14.84
N MET A 121 -17.27 8.19 14.03
CA MET A 121 -17.64 8.37 12.60
C MET A 121 -17.58 7.02 11.87
N LEU A 122 -16.52 6.23 12.05
CA LEU A 122 -16.38 4.96 11.30
C LEU A 122 -17.50 4.00 11.76
N LYS A 123 -17.78 3.98 13.05
CA LYS A 123 -18.78 3.06 13.64
C LYS A 123 -20.19 3.43 13.15
N SER A 124 -20.58 4.70 13.23
CA SER A 124 -21.93 5.17 12.80
C SER A 124 -22.00 5.03 11.27
N PHE A 125 -20.87 5.20 10.58
CA PHE A 125 -20.82 4.98 9.11
C PHE A 125 -21.05 3.51 8.77
N LEU A 126 -20.38 2.60 9.47
CA LEU A 126 -20.49 1.16 9.12
C LEU A 126 -21.90 0.68 9.48
N LYS A 127 -22.46 1.17 10.58
CA LYS A 127 -23.84 0.82 11.00
C LYS A 127 -24.80 1.21 9.85
N ALA A 128 -24.69 2.45 9.38
CA ALA A 128 -25.61 3.05 8.37
C ALA A 128 -25.36 2.46 6.97
N GLY A 129 -24.13 2.46 6.46
CA GLY A 129 -23.84 2.16 5.05
C GLY A 129 -22.97 0.94 4.84
N GLY A 130 -22.57 0.27 5.92
CA GLY A 130 -21.64 -0.87 5.90
C GLY A 130 -22.09 -1.95 4.93
N GLU A 131 -23.40 -2.11 4.74
CA GLU A 131 -23.94 -3.21 3.90
C GLU A 131 -23.57 -3.00 2.42
N VAL A 132 -23.31 -1.78 1.97
CA VAL A 132 -23.16 -1.52 0.51
C VAL A 132 -21.68 -1.43 0.10
N ILE A 133 -20.72 -1.41 1.04
CA ILE A 133 -19.25 -1.30 0.71
C ILE A 133 -18.66 -2.71 0.61
N ASP A 134 -17.75 -2.92 -0.34
CA ASP A 134 -17.03 -4.20 -0.58
C ASP A 134 -15.82 -4.32 0.34
N SER A 135 -15.26 -3.20 0.81
CA SER A 135 -14.14 -3.10 1.79
C SER A 135 -14.27 -1.83 2.60
N VAL A 136 -13.77 -1.86 3.83
CA VAL A 136 -13.58 -0.69 4.71
C VAL A 136 -12.20 -0.12 4.42
N THR A 137 -12.09 1.15 4.01
CA THR A 137 -10.81 1.83 3.75
C THR A 137 -10.49 2.81 4.89
N TRP A 138 -9.26 2.76 5.40
CA TRP A 138 -8.77 3.80 6.31
C TRP A 138 -7.34 4.18 5.91
N HIS A 139 -6.84 5.24 6.52
CA HIS A 139 -5.52 5.83 6.17
C HIS A 139 -4.57 5.75 7.36
N HIS A 140 -3.28 5.59 7.06
CA HIS A 140 -2.21 5.57 8.08
C HIS A 140 -0.94 6.26 7.60
N TYR A 141 -0.44 7.15 8.44
CA TYR A 141 0.89 7.80 8.30
C TYR A 141 1.57 7.66 9.65
N TYR A 142 2.88 7.51 9.69
CA TYR A 142 3.61 7.43 10.97
C TYR A 142 3.98 8.83 11.47
N LEU A 143 4.39 9.73 10.56
CA LEU A 143 5.12 10.98 10.98
C LEU A 143 4.61 12.22 10.25
N ASN A 144 4.97 13.38 10.78
CA ASN A 144 4.82 14.70 10.12
C ASN A 144 6.07 14.93 9.28
N GLY A 145 5.91 15.05 7.96
CA GLY A 145 7.04 15.26 7.01
C GLY A 145 7.89 16.45 7.41
N ARG A 146 7.30 17.47 8.06
CA ARG A 146 7.99 18.72 8.47
C ARG A 146 8.97 18.43 9.60
N THR A 147 8.68 17.46 10.46
CA THR A 147 9.45 17.28 11.72
C THR A 147 10.16 15.94 11.77
N ALA A 148 9.82 15.01 10.88
CA ALA A 148 10.35 13.63 10.91
C ALA A 148 11.88 13.65 10.84
N THR A 149 12.54 12.81 11.64
CA THR A 149 14.01 12.65 11.62
C THR A 149 14.39 11.29 11.06
N ARG A 150 15.65 11.17 10.68
CA ARG A 150 16.30 9.92 10.31
C ARG A 150 16.10 8.90 11.43
N GLU A 151 16.26 9.31 12.70
CA GLU A 151 16.08 8.38 13.84
C GLU A 151 14.63 7.86 13.87
N ASP A 152 13.65 8.72 13.61
CA ASP A 152 12.23 8.31 13.62
C ASP A 152 12.08 7.16 12.60
N PHE A 153 12.71 7.27 11.42
CA PHE A 153 12.53 6.30 10.32
C PHE A 153 13.15 4.95 10.69
N LEU A 154 14.08 4.93 11.66
CA LEU A 154 14.83 3.73 12.08
C LEU A 154 14.33 3.24 13.44
N ASN A 155 13.29 3.87 13.99
CA ASN A 155 12.89 3.67 15.41
C ASN A 155 11.85 2.56 15.52
N PRO A 156 12.16 1.41 16.15
CA PRO A 156 11.17 0.34 16.28
C PRO A 156 9.92 0.80 17.05
N ASP A 157 10.04 1.79 17.95
CA ASP A 157 8.88 2.29 18.73
C ASP A 157 7.91 3.01 17.78
N VAL A 158 8.45 3.73 16.79
CA VAL A 158 7.59 4.37 15.75
C VAL A 158 6.87 3.28 14.95
N LEU A 159 7.61 2.28 14.43
CA LEU A 159 7.01 1.17 13.64
C LEU A 159 5.87 0.53 14.44
N ASP A 160 6.08 0.31 15.74
CA ASP A 160 5.14 -0.50 16.56
C ASP A 160 3.79 0.21 16.78
N ILE A 161 3.72 1.54 16.69
CA ILE A 161 2.48 2.31 16.97
C ILE A 161 1.41 1.89 15.95
N PHE A 162 1.83 1.52 14.74
CA PHE A 162 0.95 1.01 13.67
C PHE A 162 0.11 -0.16 14.17
N ILE A 163 0.67 -1.02 15.02
CA ILE A 163 -0.06 -2.24 15.51
C ILE A 163 -1.33 -1.79 16.26
N SER A 164 -1.24 -0.79 17.12
CA SER A 164 -2.43 -0.30 17.88
C SER A 164 -3.43 0.33 16.92
N SER A 165 -2.99 1.10 15.92
CA SER A 165 -3.93 1.70 14.93
C SER A 165 -4.76 0.58 14.32
N VAL A 166 -4.11 -0.49 13.88
CA VAL A 166 -4.79 -1.63 13.20
C VAL A 166 -5.78 -2.27 14.21
N GLN A 167 -5.36 -2.58 15.43
CA GLN A 167 -6.23 -3.22 16.46
C GLN A 167 -7.45 -2.31 16.69
N LYS A 168 -7.29 -0.98 16.78
CA LYS A 168 -8.45 -0.07 17.04
C LYS A 168 -9.41 -0.07 15.87
N VAL A 169 -8.90 -0.11 14.63
CA VAL A 169 -9.77 -0.18 13.43
C VAL A 169 -10.58 -1.48 13.50
N PHE A 170 -9.92 -2.61 13.78
CA PHE A 170 -10.60 -3.93 13.77
C PHE A 170 -11.62 -3.99 14.91
N GLN A 171 -11.39 -3.28 16.01
CA GLN A 171 -12.39 -3.15 17.10
C GLN A 171 -13.71 -2.54 16.61
N VAL A 172 -13.63 -1.46 15.83
CA VAL A 172 -14.83 -0.81 15.26
C VAL A 172 -15.49 -1.75 14.25
N VAL A 173 -14.71 -2.35 13.35
CA VAL A 173 -15.28 -3.17 12.23
C VAL A 173 -15.93 -4.43 12.83
N GLU A 174 -15.29 -5.07 13.80
CA GLU A 174 -15.80 -6.35 14.37
C GLU A 174 -17.12 -6.06 15.10
N SER A 175 -17.32 -4.84 15.61
CA SER A 175 -18.52 -4.44 16.37
C SER A 175 -19.70 -4.15 15.44
N THR A 176 -19.48 -3.97 14.12
CA THR A 176 -20.51 -3.41 13.21
C THR A 176 -20.63 -4.25 11.94
N ARG A 177 -19.52 -4.68 11.34
CA ARG A 177 -19.54 -5.48 10.08
C ARG A 177 -18.47 -6.57 10.14
N PRO A 178 -18.63 -7.57 11.03
CA PRO A 178 -17.62 -8.61 11.18
C PRO A 178 -17.44 -9.33 9.85
N GLY A 179 -16.19 -9.65 9.48
CA GLY A 179 -15.90 -10.36 8.22
C GLY A 179 -15.72 -9.42 7.03
N LYS A 180 -16.09 -8.15 7.16
CA LYS A 180 -15.88 -7.17 6.07
C LYS A 180 -14.37 -7.03 5.86
N LYS A 181 -13.90 -7.07 4.61
CA LYS A 181 -12.48 -6.80 4.26
C LYS A 181 -12.07 -5.38 4.71
N VAL A 182 -10.88 -5.27 5.27
CA VAL A 182 -10.29 -3.99 5.73
C VAL A 182 -9.06 -3.69 4.86
N TRP A 183 -9.01 -2.49 4.31
CA TRP A 183 -7.98 -2.00 3.39
C TRP A 183 -7.34 -0.75 3.97
N LEU A 184 -6.04 -0.60 3.81
CA LEU A 184 -5.42 0.73 3.91
C LEU A 184 -5.61 1.42 2.54
N GLY A 185 -6.52 2.38 2.50
CA GLY A 185 -6.90 3.04 1.22
C GLY A 185 -5.92 4.15 0.84
N GLU A 186 -5.07 4.58 1.79
CA GLU A 186 -4.03 5.63 1.61
C GLU A 186 -3.02 5.51 2.75
N THR A 187 -1.76 5.25 2.46
CA THR A 187 -0.79 5.07 3.55
C THR A 187 0.62 5.38 3.06
N SER A 188 1.39 5.99 3.93
CA SER A 188 2.83 6.21 3.71
C SER A 188 3.57 6.51 5.03
N SER A 189 4.81 6.95 4.87
CA SER A 189 5.77 7.25 5.94
C SER A 189 5.29 8.50 6.68
N ALA A 190 5.06 9.61 5.98
CA ALA A 190 4.96 10.94 6.60
C ALA A 190 3.96 11.81 5.83
N TYR A 191 3.06 12.48 6.55
CA TYR A 191 2.07 13.40 5.95
C TYR A 191 2.77 14.72 5.63
N GLY A 192 2.03 15.63 4.98
CA GLY A 192 2.58 16.88 4.42
C GLY A 192 3.49 16.63 3.24
N GLY A 193 3.22 15.58 2.44
CA GLY A 193 3.97 15.26 1.22
C GLY A 193 5.24 14.45 1.43
N GLY A 194 5.49 13.91 2.63
CA GLY A 194 6.70 13.14 2.96
C GLY A 194 7.80 14.00 3.57
N ALA A 195 8.82 13.36 4.11
CA ALA A 195 10.00 13.97 4.75
C ALA A 195 11.10 14.04 3.70
N PRO A 196 11.54 15.26 3.31
CA PRO A 196 12.60 15.41 2.33
C PRO A 196 13.84 14.60 2.75
N LEU A 197 14.43 13.87 1.80
CA LEU A 197 15.66 13.04 1.91
C LEU A 197 15.45 11.83 2.81
N LEU A 198 14.21 11.53 3.21
CA LEU A 198 13.90 10.34 4.06
C LEU A 198 12.83 9.51 3.36
N SER A 199 11.72 10.12 2.96
CA SER A 199 10.55 9.41 2.38
C SER A 199 10.88 8.85 0.99
N ASP A 200 11.93 9.37 0.32
CA ASP A 200 12.34 8.98 -1.06
C ASP A 200 13.66 8.22 -1.03
N THR A 201 14.07 7.67 0.11
CA THR A 201 15.42 7.04 0.22
C THR A 201 15.30 5.59 0.70
N PHE A 202 16.42 4.89 0.71
CA PHE A 202 16.54 3.51 1.26
C PHE A 202 15.94 3.45 2.68
N ALA A 203 16.10 4.51 3.46
CA ALA A 203 15.61 4.62 4.85
C ALA A 203 14.07 4.49 4.93
N ALA A 204 13.35 4.90 3.88
CA ALA A 204 11.88 4.73 3.78
C ALA A 204 11.49 3.26 3.84
N GLY A 205 12.39 2.34 3.45
CA GLY A 205 12.07 0.91 3.25
C GLY A 205 11.74 0.19 4.53
N PHE A 206 12.32 0.63 5.65
CA PHE A 206 12.00 0.07 7.00
C PHE A 206 10.49 0.21 7.24
N MET A 207 9.95 1.40 7.10
CA MET A 207 8.52 1.65 7.39
C MET A 207 7.66 0.99 6.33
N TRP A 208 8.13 0.95 5.09
CA TRP A 208 7.31 0.36 4.01
C TRP A 208 7.23 -1.16 4.18
N LEU A 209 8.36 -1.84 4.30
CA LEU A 209 8.34 -3.31 4.42
C LEU A 209 7.65 -3.72 5.75
N ASP A 210 7.92 -3.02 6.86
CA ASP A 210 7.30 -3.37 8.16
C ASP A 210 5.78 -3.21 8.07
N LYS A 211 5.30 -2.15 7.41
CA LYS A 211 3.85 -1.90 7.22
C LYS A 211 3.22 -3.07 6.44
N LEU A 212 3.87 -3.52 5.38
CA LEU A 212 3.39 -4.66 4.55
C LEU A 212 3.39 -5.91 5.42
N GLY A 213 4.46 -6.13 6.18
CA GLY A 213 4.54 -7.31 7.05
C GLY A 213 3.40 -7.34 8.04
N LEU A 214 3.21 -6.25 8.77
CA LEU A 214 2.19 -6.16 9.86
C LEU A 214 0.80 -6.18 9.22
N SER A 215 0.62 -5.46 8.12
CA SER A 215 -0.70 -5.44 7.43
C SER A 215 -1.16 -6.87 7.10
N ALA A 216 -0.32 -7.65 6.43
CA ALA A 216 -0.59 -9.04 6.00
C ALA A 216 -0.84 -9.90 7.24
N ARG A 217 0.01 -9.79 8.24
CA ARG A 217 -0.04 -10.60 9.49
C ARG A 217 -1.34 -10.31 10.27
N MET A 218 -1.83 -9.08 10.26
CA MET A 218 -2.96 -8.67 11.09
C MET A 218 -4.29 -8.70 10.33
N GLY A 219 -4.33 -9.00 9.03
CA GLY A 219 -5.61 -9.25 8.35
C GLY A 219 -6.05 -8.13 7.43
N ILE A 220 -5.18 -7.15 7.14
CA ILE A 220 -5.42 -6.11 6.11
C ILE A 220 -5.26 -6.79 4.74
N GLU A 221 -6.22 -6.65 3.84
CA GLU A 221 -6.23 -7.41 2.57
C GLU A 221 -5.49 -6.68 1.45
N VAL A 222 -5.52 -5.36 1.48
CA VAL A 222 -4.95 -4.45 0.43
C VAL A 222 -4.34 -3.25 1.13
N VAL A 223 -3.16 -2.85 0.65
CA VAL A 223 -2.38 -1.69 1.19
C VAL A 223 -2.08 -0.77 0.02
N MET A 224 -2.59 0.46 0.03
CA MET A 224 -2.47 1.40 -1.11
C MET A 224 -1.42 2.46 -0.75
N ARG A 225 -0.25 2.34 -1.38
CA ARG A 225 0.91 3.22 -1.13
C ARG A 225 0.67 4.61 -1.75
N GLN A 226 0.64 5.63 -0.89
CA GLN A 226 0.78 7.05 -1.27
C GLN A 226 2.28 7.33 -1.48
N VAL A 227 2.75 7.69 -2.69
CA VAL A 227 2.08 7.61 -3.97
C VAL A 227 2.97 6.84 -4.94
N PHE A 228 2.41 6.31 -6.03
CA PHE A 228 3.18 5.68 -7.14
C PHE A 228 4.09 6.76 -7.72
N PHE A 229 3.51 7.93 -7.97
CA PHE A 229 4.13 9.06 -8.69
C PHE A 229 3.43 10.35 -8.34
N GLY A 230 4.18 11.43 -8.14
CA GLY A 230 3.62 12.77 -7.84
C GLY A 230 4.58 13.65 -7.07
N ALA A 231 4.09 14.78 -6.56
CA ALA A 231 4.95 15.84 -5.96
C ALA A 231 5.58 15.34 -4.65
N GLY A 232 4.82 14.59 -3.86
CA GLY A 232 5.26 14.08 -2.55
C GLY A 232 6.55 13.27 -2.66
N ASN A 233 7.47 13.54 -1.73
CA ASN A 233 8.77 12.85 -1.43
C ASN A 233 8.53 11.34 -1.20
N TYR A 234 7.32 10.95 -0.87
CA TYR A 234 6.99 9.54 -0.60
C TYR A 234 6.64 8.83 -1.91
N HIS A 235 6.79 9.47 -3.05
CA HIS A 235 6.57 8.82 -4.38
C HIS A 235 7.49 7.60 -4.49
N LEU A 236 7.01 6.57 -5.17
CA LEU A 236 7.82 5.35 -5.49
C LEU A 236 8.70 5.67 -6.71
N VAL A 237 8.23 6.56 -7.57
CA VAL A 237 8.96 7.02 -8.78
C VAL A 237 9.08 8.53 -8.70
N ASP A 238 10.24 9.08 -9.01
CA ASP A 238 10.55 10.52 -8.83
C ASP A 238 10.08 11.29 -10.07
N GLU A 239 10.41 12.58 -10.09
CA GLU A 239 9.93 13.58 -11.08
C GLU A 239 10.58 13.33 -12.44
N ASN A 240 11.70 12.61 -12.50
CA ASN A 240 12.39 12.20 -13.76
C ASN A 240 11.95 10.79 -14.20
N PHE A 241 10.89 10.25 -13.61
CA PHE A 241 10.38 8.88 -13.89
C PHE A 241 11.45 7.83 -13.51
N ASP A 242 12.32 8.12 -12.56
CA ASP A 242 13.32 7.13 -12.05
C ASP A 242 12.75 6.48 -10.80
N PRO A 243 12.83 5.13 -10.71
CA PRO A 243 12.41 4.42 -9.50
C PRO A 243 13.36 4.57 -8.30
N LEU A 244 12.76 4.83 -7.15
CA LEU A 244 13.45 5.01 -5.86
C LEU A 244 13.48 3.66 -5.15
N PRO A 245 14.25 3.57 -4.05
CA PRO A 245 14.44 2.30 -3.39
C PRO A 245 13.11 1.59 -3.04
N ASP A 246 12.06 2.32 -2.64
CA ASP A 246 10.78 1.67 -2.26
C ASP A 246 10.15 1.04 -3.52
N TYR A 247 10.43 1.58 -4.71
CA TYR A 247 9.90 0.92 -5.94
C TYR A 247 10.53 -0.48 -6.03
N TRP A 248 11.86 -0.56 -5.97
CA TRP A 248 12.59 -1.85 -6.09
C TRP A 248 12.14 -2.83 -5.00
N LEU A 249 11.92 -2.30 -3.79
CA LEU A 249 11.46 -3.08 -2.62
C LEU A 249 10.10 -3.68 -2.97
N SER A 250 9.21 -2.84 -3.47
CA SER A 250 7.82 -3.21 -3.84
C SER A 250 7.86 -4.29 -4.94
N LEU A 251 8.74 -4.14 -5.93
CA LEU A 251 8.87 -5.12 -7.05
C LEU A 251 9.35 -6.48 -6.51
N LEU A 252 10.35 -6.43 -5.64
CA LEU A 252 10.96 -7.65 -5.05
C LEU A 252 9.93 -8.36 -4.15
N PHE A 253 9.15 -7.59 -3.40
CA PHE A 253 8.03 -8.11 -2.57
C PHE A 253 7.06 -8.88 -3.47
N LYS A 254 6.64 -8.24 -4.55
CA LYS A 254 5.64 -8.87 -5.45
C LYS A 254 6.23 -10.15 -6.06
N LYS A 255 7.49 -10.13 -6.45
CA LYS A 255 8.13 -11.32 -7.05
C LYS A 255 8.07 -12.50 -6.07
N LEU A 256 8.40 -12.29 -4.77
CA LEU A 256 8.76 -13.39 -3.87
C LEU A 256 7.62 -13.79 -2.90
N VAL A 257 6.73 -12.87 -2.57
CA VAL A 257 5.77 -13.05 -1.43
C VAL A 257 4.41 -13.52 -1.93
N GLY A 258 3.91 -14.65 -1.45
CA GLY A 258 2.58 -15.17 -1.84
C GLY A 258 1.46 -14.56 -1.02
N THR A 259 0.22 -14.88 -1.40
CA THR A 259 -1.05 -14.43 -0.76
C THR A 259 -1.29 -15.14 0.58
N LYS A 260 -0.75 -16.33 0.82
CA LYS A 260 -0.98 -17.07 2.08
C LYS A 260 0.02 -16.59 3.12
N VAL A 261 -0.50 -15.95 4.15
CA VAL A 261 0.27 -15.36 5.26
C VAL A 261 0.50 -16.38 6.36
N LEU A 262 1.72 -16.52 6.81
CA LEU A 262 2.09 -17.40 7.94
C LEU A 262 2.66 -16.51 9.05
N MET A 263 3.51 -17.02 9.92
CA MET A 263 4.02 -16.22 11.05
C MET A 263 5.45 -16.65 11.36
N ALA A 264 6.33 -15.67 11.61
CA ALA A 264 7.66 -15.87 12.19
C ALA A 264 7.80 -14.98 13.41
N SER A 265 8.61 -15.38 14.35
CA SER A 265 8.92 -14.56 15.54
C SER A 265 10.31 -14.93 16.00
N VAL A 266 10.94 -14.03 16.75
CA VAL A 266 12.34 -14.22 17.24
C VAL A 266 12.25 -14.61 18.70
N GLN A 267 12.99 -15.63 19.12
CA GLN A 267 13.09 -16.00 20.55
C GLN A 267 13.86 -14.89 21.30
N GLY A 268 13.42 -14.56 22.52
CA GLY A 268 14.04 -13.56 23.42
C GLY A 268 13.00 -12.60 23.98
N SER A 269 13.28 -12.02 25.16
CA SER A 269 12.38 -11.23 26.06
C SER A 269 11.74 -10.03 25.35
N LYS A 270 12.56 -9.08 24.93
CA LYS A 270 12.22 -8.03 23.94
C LYS A 270 12.90 -8.42 22.64
N ARG A 271 12.19 -8.26 21.52
CA ARG A 271 12.78 -8.28 20.17
C ARG A 271 11.94 -7.39 19.24
N ARG A 272 12.31 -6.10 19.22
CA ARG A 272 11.64 -5.03 18.47
C ARG A 272 12.52 -4.61 17.28
N LYS A 273 13.83 -4.85 17.32
CA LYS A 273 14.77 -4.33 16.28
C LYS A 273 14.99 -5.38 15.20
N LEU A 274 14.69 -6.65 15.48
CA LEU A 274 14.77 -7.73 14.45
C LEU A 274 13.32 -8.12 14.14
N ARG A 275 12.78 -7.64 13.02
CA ARG A 275 11.35 -7.84 12.68
C ARG A 275 11.25 -8.88 11.56
N VAL A 276 10.39 -9.87 11.70
CA VAL A 276 10.38 -11.04 10.77
C VAL A 276 8.93 -11.37 10.43
N TYR A 277 8.72 -11.74 9.17
CA TYR A 277 7.43 -11.98 8.52
C TYR A 277 7.56 -13.24 7.66
N LEU A 278 6.49 -14.00 7.53
CA LEU A 278 6.56 -15.30 6.80
C LEU A 278 5.31 -15.47 5.97
N HIS A 279 5.52 -15.70 4.68
CA HIS A 279 4.45 -16.11 3.73
C HIS A 279 4.86 -17.38 2.98
N CYS A 280 3.88 -18.06 2.38
CA CYS A 280 4.12 -19.01 1.25
C CYS A 280 4.85 -18.25 0.12
N THR A 281 5.84 -18.87 -0.52
CA THR A 281 6.52 -18.26 -1.67
C THR A 281 5.51 -18.02 -2.80
N ASN A 282 5.67 -16.93 -3.53
CA ASN A 282 5.00 -16.73 -4.84
C ASN A 282 5.57 -17.77 -5.84
N THR A 283 4.82 -18.81 -6.15
CA THR A 283 5.32 -19.92 -7.03
C THR A 283 5.01 -19.63 -8.51
N ASP A 284 4.65 -18.40 -8.92
CA ASP A 284 4.67 -17.99 -10.36
C ASP A 284 6.11 -18.02 -10.88
N ASN A 285 7.08 -17.77 -10.02
CA ASN A 285 8.53 -17.85 -10.32
C ASN A 285 8.91 -19.32 -10.58
N PRO A 286 9.36 -19.72 -11.80
CA PRO A 286 9.77 -21.09 -12.07
C PRO A 286 10.96 -21.58 -11.22
N ARG A 287 11.66 -20.68 -10.51
CA ARG A 287 12.76 -21.15 -9.63
C ARG A 287 12.20 -21.91 -8.42
N TYR A 288 10.96 -21.62 -8.04
CA TYR A 288 10.38 -22.08 -6.74
C TYR A 288 9.24 -23.04 -7.05
N LYS A 289 8.79 -23.78 -6.04
CA LYS A 289 7.72 -24.78 -6.23
C LYS A 289 6.77 -24.72 -5.04
N GLU A 290 5.65 -25.41 -5.19
CA GLU A 290 4.62 -25.61 -4.13
C GLU A 290 5.29 -25.96 -2.81
N GLY A 291 4.90 -25.29 -1.71
CA GLY A 291 5.42 -25.59 -0.36
C GLY A 291 6.61 -24.74 0.06
N ASP A 292 7.16 -23.95 -0.87
CA ASP A 292 8.31 -23.05 -0.57
C ASP A 292 7.81 -21.89 0.31
N LEU A 293 8.70 -21.40 1.18
CA LEU A 293 8.45 -20.29 2.14
C LEU A 293 9.27 -19.06 1.77
N THR A 294 8.69 -17.87 1.93
CA THR A 294 9.43 -16.59 1.84
C THR A 294 9.41 -15.93 3.21
N LEU A 295 10.58 -15.85 3.82
CA LEU A 295 10.81 -15.08 5.05
C LEU A 295 11.27 -13.68 4.60
N TYR A 296 10.83 -12.63 5.29
CA TYR A 296 11.48 -11.32 5.12
C TYR A 296 11.71 -10.75 6.50
N ALA A 297 12.79 -9.98 6.60
CA ALA A 297 13.38 -9.58 7.88
C ALA A 297 13.97 -8.20 7.74
N ILE A 298 13.79 -7.42 8.80
CA ILE A 298 14.36 -6.07 8.96
C ILE A 298 15.33 -6.13 10.13
N ASN A 299 16.53 -5.59 9.96
CA ASN A 299 17.51 -5.45 11.05
C ASN A 299 17.72 -3.95 11.32
N LEU A 300 17.26 -3.51 12.48
CA LEU A 300 17.40 -2.12 12.95
C LEU A 300 18.43 -2.05 14.07
N HIS A 301 19.12 -3.14 14.38
CA HIS A 301 20.38 -3.08 15.17
C HIS A 301 21.49 -2.50 14.32
N ASN A 302 22.53 -2.00 14.99
CA ASN A 302 23.69 -1.30 14.35
C ASN A 302 24.80 -2.34 14.09
N VAL A 303 24.51 -3.64 14.23
CA VAL A 303 25.46 -4.73 13.94
C VAL A 303 24.72 -5.82 13.16
N THR A 304 25.45 -6.65 12.40
CA THR A 304 24.91 -7.82 11.68
C THR A 304 24.28 -8.79 12.69
N LYS A 305 23.08 -9.30 12.38
CA LYS A 305 22.44 -10.39 13.15
C LYS A 305 22.36 -11.61 12.24
N TYR A 306 22.38 -12.81 12.84
CA TYR A 306 22.40 -14.11 12.13
C TYR A 306 21.19 -14.91 12.59
N LEU A 307 20.29 -15.21 11.66
CA LEU A 307 19.00 -15.89 11.92
C LEU A 307 19.20 -17.39 11.74
N ARG A 308 18.75 -18.17 12.72
CA ARG A 308 18.73 -19.66 12.62
C ARG A 308 17.29 -20.09 12.31
N LEU A 309 17.11 -20.80 11.20
CA LEU A 309 15.79 -21.33 10.82
C LEU A 309 15.44 -22.46 11.77
N PRO A 310 14.16 -22.60 12.19
CA PRO A 310 13.81 -23.63 13.15
C PRO A 310 13.73 -24.97 12.39
N TYR A 311 13.84 -26.06 13.13
CA TYR A 311 13.53 -27.43 12.62
C TYR A 311 12.11 -27.39 12.04
N PRO A 312 11.80 -28.09 10.93
CA PRO A 312 12.75 -28.88 10.17
C PRO A 312 13.35 -28.21 8.92
N PHE A 313 13.61 -26.90 9.00
CA PHE A 313 14.05 -26.10 7.83
C PHE A 313 15.53 -25.74 7.94
N SER A 314 16.28 -26.30 8.90
CA SER A 314 17.64 -25.81 9.25
C SER A 314 18.70 -26.29 8.25
N ASN A 315 18.40 -27.27 7.39
CA ASN A 315 19.33 -27.81 6.38
C ASN A 315 18.88 -27.57 4.94
N LYS A 316 17.84 -26.74 4.74
CA LYS A 316 17.29 -26.39 3.39
C LYS A 316 18.19 -25.40 2.64
N GLN A 317 18.11 -25.44 1.32
CA GLN A 317 18.79 -24.46 0.44
C GLN A 317 17.97 -23.16 0.53
N VAL A 318 18.65 -22.05 0.83
CA VAL A 318 18.02 -20.70 0.98
C VAL A 318 18.57 -19.74 -0.06
N ASP A 319 17.68 -19.09 -0.81
CA ASP A 319 17.99 -17.95 -1.71
C ASP A 319 17.86 -16.64 -0.93
N LYS A 320 18.94 -15.86 -0.88
CA LYS A 320 18.98 -14.54 -0.22
C LYS A 320 18.63 -13.46 -1.25
N TYR A 321 17.81 -12.50 -0.85
CA TYR A 321 17.53 -11.29 -1.66
C TYR A 321 17.74 -10.08 -0.75
N LEU A 322 18.99 -9.67 -0.56
CA LEU A 322 19.40 -8.65 0.44
C LEU A 322 19.51 -7.29 -0.24
N LEU A 323 18.78 -6.32 0.30
CA LEU A 323 18.75 -4.91 -0.20
C LEU A 323 19.61 -4.03 0.71
N ARG A 324 20.58 -3.31 0.11
CA ARG A 324 21.45 -2.33 0.79
C ARG A 324 21.66 -1.13 -0.11
N PRO A 325 21.86 0.06 0.49
CA PRO A 325 21.98 1.28 -0.32
C PRO A 325 23.26 1.28 -1.15
N LEU A 326 23.19 1.88 -2.33
CA LEU A 326 24.41 2.23 -3.13
C LEU A 326 24.92 3.58 -2.60
N GLY A 327 26.22 3.66 -2.24
CA GLY A 327 26.87 4.81 -1.58
C GLY A 327 26.91 5.98 -2.54
N PRO A 328 27.37 7.17 -2.12
CA PRO A 328 27.92 7.40 -0.79
C PRO A 328 27.00 7.81 0.36
N HIS A 329 25.70 7.90 0.14
CA HIS A 329 24.74 8.52 1.10
C HIS A 329 24.07 7.52 2.05
N GLY A 330 24.53 6.27 2.06
CA GLY A 330 24.09 5.25 3.02
C GLY A 330 22.58 5.20 3.03
N LEU A 331 21.95 5.32 4.20
CA LEU A 331 20.49 5.12 4.31
C LEU A 331 19.76 6.28 3.61
N LEU A 332 20.45 7.41 3.37
CA LEU A 332 19.83 8.57 2.69
C LEU A 332 20.04 8.46 1.17
N SER A 333 20.48 7.30 0.67
CA SER A 333 20.68 7.03 -0.79
C SER A 333 19.34 6.85 -1.51
N LYS A 334 19.26 7.32 -2.77
CA LYS A 334 18.10 7.10 -3.66
C LYS A 334 18.39 5.91 -4.60
N SER A 335 19.49 5.20 -4.38
CA SER A 335 19.89 4.00 -5.16
C SER A 335 20.11 2.78 -4.26
N VAL A 336 19.79 1.59 -4.78
CA VAL A 336 19.79 0.36 -3.95
C VAL A 336 20.40 -0.80 -4.72
N GLN A 337 21.16 -1.63 -4.00
CA GLN A 337 21.77 -2.88 -4.53
C GLN A 337 21.04 -4.11 -3.96
N LEU A 338 20.75 -5.05 -4.84
CA LEU A 338 20.28 -6.41 -4.52
C LEU A 338 21.47 -7.36 -4.57
N ASN A 339 21.88 -7.86 -3.40
CA ASN A 339 23.02 -8.80 -3.29
C ASN A 339 24.23 -8.19 -4.01
N GLY A 340 24.46 -6.89 -3.78
CA GLY A 340 25.67 -6.19 -4.24
C GLY A 340 25.60 -5.77 -5.70
N LEU A 341 24.46 -5.92 -6.38
CA LEU A 341 24.23 -5.44 -7.78
C LEU A 341 23.22 -4.31 -7.75
N THR A 342 23.60 -3.13 -8.23
CA THR A 342 22.73 -1.94 -8.31
C THR A 342 21.52 -2.23 -9.19
N LEU A 343 20.35 -1.82 -8.74
CA LEU A 343 19.07 -2.02 -9.45
C LEU A 343 18.79 -0.75 -10.26
N LYS A 344 18.75 -0.95 -11.57
CA LYS A 344 18.46 0.07 -12.58
C LYS A 344 17.63 -0.60 -13.68
N MET A 345 16.72 0.14 -14.28
CA MET A 345 16.01 -0.25 -15.54
C MET A 345 17.06 -0.58 -16.60
N VAL A 346 16.87 -1.62 -17.39
CA VAL A 346 17.81 -1.93 -18.51
C VAL A 346 17.60 -0.85 -19.57
N ASP A 347 16.35 -0.45 -19.79
CA ASP A 347 15.97 0.73 -20.61
C ASP A 347 14.54 1.08 -20.25
N ASP A 348 13.95 2.05 -20.93
CA ASP A 348 12.63 2.62 -20.54
C ASP A 348 11.53 1.58 -20.70
N GLN A 349 11.78 0.48 -21.40
CA GLN A 349 10.79 -0.60 -21.64
C GLN A 349 11.07 -1.83 -20.77
N THR A 350 12.17 -1.88 -20.02
CA THR A 350 12.76 -3.17 -19.57
C THR A 350 13.27 -3.10 -18.12
N LEU A 351 12.62 -3.87 -17.24
CA LEU A 351 13.06 -4.06 -15.84
C LEU A 351 14.16 -5.10 -15.83
N PRO A 352 15.14 -5.02 -14.91
CA PRO A 352 16.16 -6.05 -14.77
C PRO A 352 15.61 -7.32 -14.14
N PRO A 353 16.29 -8.47 -14.29
CA PRO A 353 16.02 -9.63 -13.45
C PRO A 353 16.36 -9.21 -12.01
N LEU A 354 15.71 -9.86 -11.04
CA LEU A 354 16.05 -9.70 -9.62
C LEU A 354 16.73 -11.00 -9.17
N MET A 355 18.06 -10.97 -9.09
CA MET A 355 18.88 -12.21 -8.99
C MET A 355 19.15 -12.56 -7.53
N GLU A 356 18.76 -13.79 -7.17
CA GLU A 356 18.98 -14.41 -5.84
C GLU A 356 20.47 -14.61 -5.60
N LYS A 357 20.89 -14.72 -4.35
CA LYS A 357 22.21 -15.25 -3.96
C LYS A 357 21.96 -16.53 -3.18
N PRO A 358 22.21 -17.74 -3.75
CA PRO A 358 22.08 -18.98 -3.00
C PRO A 358 23.07 -19.04 -1.83
N LEU A 359 22.59 -19.41 -0.64
CA LEU A 359 23.45 -19.62 0.56
C LEU A 359 23.80 -21.11 0.65
N ARG A 360 24.91 -21.47 1.28
CA ARG A 360 25.20 -22.92 1.47
C ARG A 360 24.17 -23.45 2.47
N PRO A 361 23.55 -24.61 2.18
CA PRO A 361 22.66 -25.29 3.14
C PRO A 361 23.28 -25.38 4.54
N GLY A 362 22.51 -25.00 5.56
CA GLY A 362 22.88 -25.12 6.98
C GLY A 362 23.52 -23.87 7.56
N SER A 363 23.69 -22.82 6.76
CA SER A 363 24.24 -21.52 7.22
C SER A 363 23.16 -20.67 7.91
N SER A 364 23.53 -19.98 8.97
CA SER A 364 22.68 -18.92 9.57
C SER A 364 22.51 -17.84 8.49
N LEU A 365 21.37 -17.15 8.54
CA LEU A 365 21.00 -16.07 7.60
C LEU A 365 21.61 -14.75 8.11
N GLY A 366 22.62 -14.25 7.41
CA GLY A 366 23.30 -13.01 7.80
C GLY A 366 22.48 -11.81 7.36
N LEU A 367 22.21 -10.88 8.26
CA LEU A 367 21.43 -9.67 7.96
C LEU A 367 22.17 -8.47 8.54
N PRO A 368 22.88 -7.70 7.68
CA PRO A 368 23.67 -6.57 8.16
C PRO A 368 22.84 -5.52 8.91
N ALA A 369 23.52 -4.71 9.73
CA ALA A 369 22.97 -3.49 10.36
C ALA A 369 22.12 -2.69 9.35
N PHE A 370 20.98 -2.16 9.79
CA PHE A 370 20.08 -1.26 9.01
C PHE A 370 19.91 -1.75 7.57
N SER A 371 19.36 -2.93 7.44
CA SER A 371 19.16 -3.60 6.15
C SER A 371 17.87 -4.42 6.24
N TYR A 372 17.34 -4.80 5.09
CA TYR A 372 16.18 -5.72 4.98
C TYR A 372 16.46 -6.72 3.87
N SER A 373 15.91 -7.92 4.02
CA SER A 373 16.22 -9.05 3.10
C SER A 373 14.99 -9.95 3.03
N PHE A 374 14.79 -10.55 1.85
CA PHE A 374 13.93 -11.72 1.64
C PHE A 374 14.86 -12.93 1.65
N PHE A 375 14.33 -14.06 2.10
CA PHE A 375 14.99 -15.39 2.10
C PHE A 375 13.94 -16.40 1.65
N VAL A 376 14.18 -17.08 0.52
CA VAL A 376 13.28 -18.18 0.08
C VAL A 376 13.88 -19.50 0.53
N ILE A 377 13.09 -20.23 1.32
CA ILE A 377 13.43 -21.57 1.87
C ILE A 377 12.90 -22.59 0.85
N ARG A 378 13.81 -23.11 0.03
CA ARG A 378 13.51 -24.01 -1.10
C ARG A 378 13.29 -25.42 -0.56
N ASN A 379 12.35 -26.11 -1.17
CA ASN A 379 11.99 -27.50 -0.79
C ASN A 379 11.45 -27.50 0.64
N ALA A 380 10.76 -26.42 1.06
CA ALA A 380 10.21 -26.32 2.45
C ALA A 380 9.08 -27.32 2.60
N LYS A 381 8.33 -27.59 1.53
CA LYS A 381 7.27 -28.62 1.44
C LYS A 381 6.24 -28.37 2.54
N VAL A 382 5.87 -27.10 2.73
CA VAL A 382 4.79 -26.70 3.66
C VAL A 382 3.44 -26.95 2.99
N ALA A 383 2.68 -27.89 3.53
CA ALA A 383 1.37 -28.33 3.04
C ALA A 383 0.37 -27.16 3.06
N ALA A 384 0.45 -26.26 4.04
CA ALA A 384 -0.38 -25.03 4.11
C ALA A 384 -0.19 -24.19 2.85
N CYS A 385 0.97 -24.26 2.20
CA CYS A 385 1.25 -23.57 0.92
C CYS A 385 0.79 -24.45 -0.27
N ILE A 386 -0.09 -25.44 0.00
CA ILE A 386 -0.54 -26.54 -0.92
C ILE A 386 0.65 -27.43 -1.24
N ALA B 1 29.38 -12.31 16.82
CA ALA B 1 29.45 -12.78 18.23
C ALA B 1 28.19 -13.62 18.56
N ALA B 2 28.29 -14.43 19.62
CA ALA B 2 27.24 -15.37 20.09
C ALA B 2 25.94 -14.61 20.30
N GLN B 3 26.00 -13.41 20.90
CA GLN B 3 24.79 -12.59 21.22
C GLN B 3 24.13 -12.08 19.91
N ASP B 4 24.78 -12.18 18.76
CA ASP B 4 24.24 -11.69 17.46
C ASP B 4 23.53 -12.84 16.72
N VAL B 5 23.42 -14.02 17.32
CA VAL B 5 22.72 -15.18 16.69
C VAL B 5 21.32 -15.25 17.29
N VAL B 6 20.29 -15.34 16.45
CA VAL B 6 18.87 -15.25 16.88
C VAL B 6 18.10 -16.45 16.31
N ASP B 7 17.28 -17.08 17.13
CA ASP B 7 16.48 -18.27 16.72
C ASP B 7 15.08 -17.81 16.30
N LEU B 8 14.59 -18.32 15.18
CA LEU B 8 13.25 -17.99 14.65
C LEU B 8 12.28 -19.12 15.04
N ASP B 9 11.06 -18.76 15.44
CA ASP B 9 9.90 -19.68 15.51
C ASP B 9 9.06 -19.42 14.27
N PHE B 10 8.57 -20.49 13.63
CA PHE B 10 7.67 -20.43 12.46
C PHE B 10 6.32 -21.10 12.75
N PHE B 11 5.23 -20.45 12.41
CA PHE B 11 3.92 -21.12 12.32
C PHE B 11 3.64 -21.42 10.85
N THR B 12 3.51 -22.71 10.50
CA THR B 12 3.30 -23.22 9.11
C THR B 12 2.12 -24.20 8.99
N GLN B 13 1.30 -24.38 10.05
CA GLN B 13 0.20 -25.38 10.08
C GLN B 13 -0.86 -25.02 9.05
N GLU B 14 -1.18 -23.74 8.93
CA GLU B 14 -2.26 -23.26 8.05
C GLU B 14 -2.03 -21.79 7.73
N PRO B 15 -2.60 -21.31 6.60
CA PRO B 15 -2.59 -19.90 6.27
C PRO B 15 -3.33 -19.19 7.41
N LEU B 16 -2.76 -18.11 7.94
CA LEU B 16 -3.40 -17.29 8.98
C LEU B 16 -4.28 -16.23 8.31
N HIS B 17 -3.93 -15.80 7.11
CA HIS B 17 -4.73 -14.83 6.33
C HIS B 17 -4.41 -15.08 4.86
N LEU B 18 -5.28 -14.61 3.99
CA LEU B 18 -5.05 -14.67 2.53
C LEU B 18 -5.16 -13.23 2.05
N VAL B 19 -4.05 -12.61 1.63
CA VAL B 19 -4.12 -11.21 1.13
C VAL B 19 -4.57 -11.28 -0.34
N SER B 20 -5.03 -10.17 -0.90
CA SER B 20 -5.32 -10.08 -2.36
C SER B 20 -4.02 -10.30 -3.15
N PRO B 21 -4.06 -10.86 -4.39
CA PRO B 21 -2.91 -10.74 -5.28
C PRO B 21 -2.50 -9.26 -5.43
N SER B 22 -3.45 -8.33 -5.28
CA SER B 22 -3.25 -6.86 -5.37
C SER B 22 -2.87 -6.25 -4.00
N PHE B 23 -2.43 -7.07 -3.04
CA PHE B 23 -2.06 -6.65 -1.66
C PHE B 23 -1.25 -5.34 -1.68
N LEU B 24 -0.16 -5.31 -2.45
CA LEU B 24 0.65 -4.07 -2.64
C LEU B 24 0.07 -3.27 -3.79
N SER B 25 -0.75 -2.28 -3.45
CA SER B 25 -1.41 -1.37 -4.42
C SER B 25 -0.83 0.04 -4.25
N VAL B 26 -1.27 0.99 -5.07
CA VAL B 26 -0.62 2.34 -5.12
C VAL B 26 -1.71 3.38 -5.30
N THR B 27 -1.38 4.65 -5.10
CA THR B 27 -2.30 5.79 -5.32
C THR B 27 -1.67 6.76 -6.32
N ILE B 28 -2.53 7.55 -6.94
CA ILE B 28 -2.21 8.90 -7.48
C ILE B 28 -3.05 9.88 -6.68
N ASP B 29 -2.40 10.86 -6.08
CA ASP B 29 -3.08 11.90 -5.30
C ASP B 29 -3.97 12.67 -6.28
N ALA B 30 -5.21 12.91 -5.88
CA ALA B 30 -6.21 13.68 -6.65
C ALA B 30 -5.60 15.02 -7.07
N ASN B 31 -4.66 15.55 -6.31
CA ASN B 31 -4.06 16.88 -6.62
C ASN B 31 -3.26 16.83 -7.94
N LEU B 32 -2.77 15.68 -8.38
CA LEU B 32 -1.99 15.58 -9.64
C LEU B 32 -2.88 16.03 -10.82
N ALA B 33 -4.21 15.91 -10.69
CA ALA B 33 -5.17 16.29 -11.75
C ALA B 33 -5.20 17.80 -11.94
N THR B 34 -4.72 18.59 -10.98
CA THR B 34 -4.56 20.06 -11.11
C THR B 34 -3.19 20.42 -11.74
N ASP B 35 -2.27 19.48 -11.93
CA ASP B 35 -0.96 19.76 -12.60
C ASP B 35 -1.23 19.93 -14.10
N PRO B 36 -0.75 21.02 -14.76
CA PRO B 36 -0.91 21.15 -16.21
C PRO B 36 -0.20 20.04 -17.01
N ARG B 37 0.82 19.39 -16.45
CA ARG B 37 1.64 18.35 -17.13
C ARG B 37 1.01 16.96 -16.95
N PHE B 38 -0.20 16.87 -16.39
CA PHE B 38 -0.88 15.60 -16.02
C PHE B 38 -0.88 14.62 -17.20
N LEU B 39 -1.31 15.11 -18.36
CA LEU B 39 -1.40 14.34 -19.62
C LEU B 39 0.00 13.87 -20.01
N ILE B 40 0.96 14.80 -20.06
CA ILE B 40 2.39 14.47 -20.39
C ILE B 40 2.84 13.33 -19.45
N LEU B 41 2.65 13.47 -18.13
CA LEU B 41 3.29 12.58 -17.12
C LEU B 41 2.72 11.16 -17.24
N LEU B 42 1.40 11.00 -17.14
CA LEU B 42 0.77 9.66 -17.21
C LEU B 42 0.89 9.08 -18.62
N GLY B 43 1.36 9.86 -19.60
CA GLY B 43 1.62 9.36 -20.96
C GLY B 43 2.98 8.69 -21.05
N SER B 44 3.86 8.91 -20.07
CA SER B 44 5.27 8.49 -20.10
C SER B 44 5.33 6.98 -20.34
N PRO B 45 5.90 6.50 -21.47
CA PRO B 45 6.11 5.05 -21.65
C PRO B 45 6.96 4.43 -20.52
N LYS B 46 7.99 5.14 -20.07
CA LYS B 46 8.86 4.74 -18.92
C LYS B 46 7.98 4.53 -17.66
N LEU B 47 7.08 5.46 -17.39
CA LEU B 47 6.21 5.41 -16.20
C LEU B 47 5.31 4.19 -16.30
N ARG B 48 4.86 3.86 -17.51
CA ARG B 48 3.94 2.73 -17.76
C ARG B 48 4.68 1.39 -17.55
N THR B 49 5.92 1.29 -17.99
CA THR B 49 6.78 0.11 -17.76
C THR B 49 6.87 -0.13 -16.25
N LEU B 50 7.19 0.93 -15.50
CA LEU B 50 7.32 0.83 -14.02
C LEU B 50 5.98 0.42 -13.38
N ALA B 51 4.86 0.98 -13.80
CA ALA B 51 3.52 0.66 -13.26
C ALA B 51 3.12 -0.78 -13.58
N ARG B 52 3.39 -1.23 -14.82
CA ARG B 52 3.11 -2.64 -15.25
C ARG B 52 3.88 -3.60 -14.36
N GLY B 53 5.07 -3.20 -13.85
CA GLY B 53 5.87 -4.03 -12.93
C GLY B 53 5.12 -4.31 -11.64
N LEU B 54 4.21 -3.43 -11.22
CA LEU B 54 3.44 -3.60 -9.96
C LEU B 54 2.11 -4.32 -10.21
N SER B 55 1.75 -4.60 -11.47
CA SER B 55 0.54 -5.38 -11.82
C SER B 55 0.70 -6.79 -11.25
N PRO B 56 -0.34 -7.40 -10.63
CA PRO B 56 -1.62 -6.75 -10.32
C PRO B 56 -1.65 -5.83 -9.08
N ALA B 57 -2.46 -4.79 -9.17
CA ALA B 57 -2.60 -3.74 -8.14
C ALA B 57 -3.79 -2.86 -8.47
N TYR B 58 -4.41 -2.33 -7.42
CA TYR B 58 -5.31 -1.18 -7.49
C TYR B 58 -4.45 0.07 -7.63
N LEU B 59 -4.97 0.99 -8.41
CA LEU B 59 -4.50 2.39 -8.50
C LEU B 59 -5.65 3.23 -7.96
N ARG B 60 -5.52 3.80 -6.75
CA ARG B 60 -6.56 4.69 -6.15
C ARG B 60 -6.24 6.14 -6.49
N PHE B 61 -7.14 6.79 -7.22
CA PHE B 61 -7.10 8.23 -7.53
C PHE B 61 -7.91 8.98 -6.46
N GLY B 62 -7.24 9.65 -5.54
CA GLY B 62 -7.94 10.27 -4.40
C GLY B 62 -6.97 10.98 -3.50
N GLY B 63 -7.51 11.62 -2.46
CA GLY B 63 -6.76 12.45 -1.53
C GLY B 63 -7.62 13.61 -1.12
N THR B 64 -7.05 14.57 -0.41
CA THR B 64 -7.81 15.71 0.14
C THR B 64 -8.59 16.39 -1.00
N LYS B 65 -7.98 16.52 -2.18
CA LYS B 65 -8.57 17.20 -3.37
C LYS B 65 -9.77 16.42 -3.94
N THR B 66 -9.95 15.15 -3.58
CA THR B 66 -11.17 14.35 -3.95
C THR B 66 -12.43 15.20 -3.76
N ASP B 67 -12.51 15.94 -2.65
CA ASP B 67 -13.74 16.64 -2.18
C ASP B 67 -13.73 18.11 -2.63
N PHE B 68 -12.92 18.43 -3.64
CA PHE B 68 -12.76 19.77 -4.24
C PHE B 68 -12.53 19.63 -5.75
N LEU B 69 -12.97 18.53 -6.37
CA LEU B 69 -12.89 18.27 -7.82
C LEU B 69 -14.31 18.07 -8.37
N ILE B 70 -14.59 18.68 -9.53
CA ILE B 70 -15.94 18.73 -10.19
C ILE B 70 -15.75 18.32 -11.65
N PHE B 71 -16.42 17.25 -12.07
CA PHE B 71 -16.42 16.80 -13.48
C PHE B 71 -17.10 17.89 -14.31
N ASP B 72 -16.45 18.35 -15.39
CA ASP B 72 -17.06 19.28 -16.40
C ASP B 72 -17.08 18.54 -17.73
N PRO B 73 -18.25 18.04 -18.17
CA PRO B 73 -18.33 17.33 -19.45
C PRO B 73 -18.06 18.26 -20.65
N LYS B 74 -17.98 19.57 -20.42
CA LYS B 74 -17.88 20.60 -21.49
C LYS B 74 -16.42 21.06 -21.66
N LYS B 75 -15.65 21.23 -20.58
CA LYS B 75 -14.28 21.81 -20.65
C LYS B 75 -13.34 20.85 -21.41
N GLU B 76 -12.18 21.37 -21.85
CA GLU B 76 -11.02 20.63 -22.43
C GLU B 76 -11.48 19.61 -23.49
O30 V8R C . 0.86 13.80 2.29
C25 V8R C . -0.27 14.07 2.80
O29 V8R C . -0.46 14.91 3.72
C6 V8R C . -1.46 13.30 2.31
C1 V8R C . -2.22 14.13 1.28
O27 V8R C . -1.35 14.21 0.16
N5 V8R C . -2.36 12.88 3.41
C9 V8R C . -2.03 12.43 4.64
C8 V8R C . -3.20 12.16 5.30
N7 V8R C . -4.23 12.42 4.47
C4 V8R C . -3.69 12.87 3.31
C3 V8R C . -4.43 13.28 2.11
O28 V8R C . -5.51 12.37 1.90
C2 V8R C . -3.48 13.38 0.89
O26 V8R C . -4.16 14.06 -0.21
C10 V8R C . -3.35 11.65 6.71
C11 V8R C . -3.66 12.80 7.65
C12 V8R C . -3.65 12.29 9.08
C17 V8R C . -4.80 12.14 9.84
C16 V8R C . -4.70 11.68 11.17
C15 V8R C . -3.46 11.34 11.71
C14 V8R C . -2.33 11.47 10.92
C13 V8R C . -2.44 11.94 9.64
O18 V8R C . -1.06 11.17 11.35
C19 V8R C . -0.57 11.47 12.59
C24 V8R C . -1.14 12.45 13.39
C23 V8R C . -0.61 12.69 14.67
C22 V8R C . 0.49 11.98 15.13
C21 V8R C . 1.07 11.00 14.30
C20 V8R C . 0.53 10.75 13.03
C1 EDO D . 11.96 -8.31 -12.43
O1 EDO D . 12.37 -8.43 -13.78
C2 EDO D . 10.57 -8.75 -12.21
O2 EDO D . 10.46 -9.79 -11.26
C1 EDO E . 1.99 -10.06 -2.36
O1 EDO E . 2.20 -9.37 -3.57
C2 EDO E . 0.95 -11.12 -2.47
O2 EDO E . 1.40 -12.24 -3.22
C1 EDO F . 7.93 -8.12 13.75
O1 EDO F . 8.50 -9.42 13.99
C2 EDO F . 6.53 -7.89 14.22
O2 EDO F . 6.43 -7.73 15.63
C1 EDO G . 20.70 -6.74 -10.86
O1 EDO G . 19.65 -6.57 -11.79
C2 EDO G . 20.62 -8.02 -10.13
O2 EDO G . 19.33 -8.35 -9.67
C1 EDO H . 11.99 -26.19 -8.81
O1 EDO H . 12.02 -25.37 -7.65
C2 EDO H . 13.32 -26.73 -9.13
O2 EDO H . 13.87 -27.40 -8.03
C1 EDO I . 20.57 8.31 -6.74
O1 EDO I . 21.74 7.94 -6.05
C2 EDO I . 20.81 9.09 -8.00
O2 EDO I . 20.19 10.38 -8.00
C1 EDO J . 20.87 11.10 -2.54
O1 EDO J . 19.62 10.93 -1.90
C2 EDO J . 21.02 10.31 -3.81
O2 EDO J . 21.49 8.96 -3.74
C1 EDO K . -13.36 -7.40 10.02
O1 EDO K . -13.26 -8.35 8.98
C2 EDO K . -13.11 -7.93 11.38
O2 EDO K . -14.27 -8.49 11.99
C1 EDO L . 25.53 -10.23 -0.56
O1 EDO L . 24.12 -10.35 -0.59
C2 EDO L . 26.22 -10.25 -1.87
O2 EDO L . 27.45 -9.53 -1.84
C1 EDO M . 25.39 -10.50 5.54
O1 EDO M . 25.16 -10.18 4.18
C2 EDO M . 26.65 -11.21 5.77
O2 EDO M . 26.62 -11.98 6.93
C1 EDO N . -2.29 7.25 15.56
O1 EDO N . -0.87 7.04 15.55
C2 EDO N . -3.11 6.11 15.00
O2 EDO N . -3.97 5.42 15.89
C1 EDO O . 8.90 12.93 15.16
O1 EDO O . 7.52 12.85 14.87
C2 EDO O . 9.28 14.20 15.76
O2 EDO O . 10.66 14.41 15.58
C1 EDO P . -12.53 -8.25 -1.51
O1 EDO P . -11.20 -7.88 -1.82
C2 EDO P . -13.43 -7.09 -1.27
O2 EDO P . -13.89 -6.45 -2.45
C1 EDO Q . 19.25 -23.45 5.85
O1 EDO Q . 20.07 -24.48 5.37
C2 EDO Q . 19.94 -22.15 5.99
O2 EDO Q . 20.74 -21.77 4.88
C1 EDO R . 16.92 6.09 -8.99
O1 EDO R . 16.03 5.60 -9.96
C2 EDO R . 16.81 7.53 -8.81
O2 EDO R . 17.97 7.99 -8.20
C1 NAG S . -26.61 13.32 11.45
C2 NAG S . -27.71 13.53 12.53
C3 NAG S . -29.09 13.85 11.95
C4 NAG S . -29.01 14.85 10.78
C5 NAG S . -28.06 14.20 9.75
C6 NAG S . -28.01 14.88 8.39
C7 NAG S . -27.29 11.96 14.39
C8 NAG S . -27.55 10.54 14.80
N2 NAG S . -27.88 12.28 13.24
O3 NAG S . -29.92 14.28 13.04
O4 NAG S . -30.29 15.17 10.19
O5 NAG S . -26.76 14.20 10.32
O6 NAG S . -27.30 16.13 8.50
O7 NAG S . -26.60 12.75 15.03
C1 NAG T . 25.87 0.58 18.48
C2 NAG T . 27.35 0.96 18.25
C3 NAG T . 28.18 1.15 19.53
C4 NAG T . 27.50 2.22 20.35
C5 NAG T . 26.07 1.76 20.62
C6 NAG T . 25.36 2.90 21.31
C7 NAG T . 28.42 0.24 16.15
C8 NAG T . 29.09 -0.89 15.43
N2 NAG T . 28.06 -0.01 17.42
O3 NAG T . 29.54 1.55 19.25
O4 NAG T . 28.23 2.47 21.58
O5 NAG T . 25.27 1.39 19.47
O6 NAG T . 24.29 2.23 21.96
O7 NAG T . 28.20 1.28 15.56
C1 EDO U . -11.03 11.52 8.66
O1 EDO U . -11.35 10.24 8.87
C2 EDO U . -10.41 12.18 9.81
O2 EDO U . -9.01 12.46 9.70
C1 EDO V . -8.26 -6.93 17.96
O1 EDO V . -7.26 -6.33 17.18
C2 EDO V . -8.83 -6.02 18.95
O2 EDO V . -8.14 -6.02 20.18
C1 EDO W . 5.88 17.10 14.71
O1 EDO W . 6.42 17.13 16.03
C2 EDO W . 4.50 17.65 14.48
O2 EDO W . 4.32 19.01 14.85
C1 EDO X . -19.88 -9.22 5.87
O1 EDO X . -19.11 -9.26 4.68
C2 EDO X . -19.95 -7.86 6.45
O2 EDO X . -20.47 -7.84 7.77
C1 EDO Y . 1.03 14.07 -3.38
O1 EDO Y . 2.11 13.63 -4.23
C2 EDO Y . 1.38 14.81 -2.13
O2 EDO Y . 1.98 16.09 -2.33
C1 EDO Z . 0.71 -11.21 -6.80
O1 EDO Z . 0.26 -12.20 -5.88
C2 EDO Z . 2.19 -11.22 -6.96
O2 EDO Z . 2.87 -10.98 -5.73
C1 EDO AA . 5.84 15.65 -10.81
O1 EDO AA . 6.77 14.61 -10.54
C2 EDO AA . 4.75 15.75 -9.78
O2 EDO AA . 3.93 16.91 -9.85
#